data_7N3D
#
_entry.id   7N3D
#
_cell.length_a   50.927
_cell.length_b   67.318
_cell.length_c   86.087
_cell.angle_alpha   90.000
_cell.angle_beta   106.643
_cell.angle_gamma   90.000
#
_symmetry.space_group_name_H-M   'P 1 21 1'
#
loop_
_entity.id
_entity.type
_entity.pdbx_description
1 polymer 'S24-1564  Fab heavy chain'
2 polymer 'S24-1564 Fab light chain'
3 polymer Nucleoprotein
4 non-polymer 1,2-ETHANEDIOL
5 non-polymer 'CHLORIDE ION'
6 water water
#
loop_
_entity_poly.entity_id
_entity_poly.type
_entity_poly.pdbx_seq_one_letter_code
_entity_poly.pdbx_strand_id
1 'polypeptide(L)'
;QVQLQESGPGLVKPSETLSLTCTVSGGSISSYYWSWIRQPPGKGLEWIGYVYYSGNTKYNPSLKSRVTISVDTSKNQFSL
KLGSVTAADTAVYYCARHSRIEVAGTLDFDYWGQGTLVTVSSASTKGPSVFPLAPSSKSTSGGTAALGCLVKDYFPEPVT
VSWNSGALTSGVHTFPAVLQSSGLYSLSSVVTVPSSSLGTQTYICNVNHKPSNTKVDKRVEPKSC
;
H
2 'polypeptide(L)'
;DIQMTQSPSSLSASVGDRVTITCRASQSIRSYLNWYQQKRGKAPKLLIYAASSLQSGVPSRFSGSGSGTDFTLTISSLQP
EDFATYYCQQSYSTPPTFGQGTKVEIKRTVAAPSVFIFPPSDEQLKSGTASVVCLLNNFYPREAKVQWKVDNALQSGNSQ
ESVTEQDSKDSTYSLSSTLTLSKADYEKHKVYACEVTHQGLSSPVTKSFNRGEC
;
L
3 'polypeptide(L)'
;SNMNNTASWFTALTQHGKEDLKFPRGQGVPINTNSSPDDQIGYYRRATRRIRGGDGKMKDLSPRWYFYYLGTGPEAGLPY
GANKDGIIWVATEGALNTPKDHIGTRNPANNAAIVLQLPQGTTLPKGFYA
;
C
#
# COMPACT_ATOMS: atom_id res chain seq x y z
N GLN A 1 13.15 11.32 9.99
CA GLN A 1 12.41 10.86 8.82
C GLN A 1 11.01 11.48 8.75
N VAL A 2 10.56 11.75 7.53
CA VAL A 2 9.23 12.31 7.33
C VAL A 2 8.18 11.28 7.68
N GLN A 3 7.09 11.72 8.31
CA GLN A 3 6.00 10.83 8.66
C GLN A 3 4.67 11.46 8.25
N LEU A 4 3.80 10.65 7.70
CA LEU A 4 2.46 11.05 7.28
C LEU A 4 1.45 10.28 8.11
N GLN A 5 0.35 10.93 8.48
N GLN A 5 0.35 10.93 8.49
CA GLN A 5 -0.67 10.29 9.32
CA GLN A 5 -0.67 10.28 9.32
C GLN A 5 -2.05 10.73 8.86
C GLN A 5 -2.06 10.73 8.88
N GLU A 6 -2.85 9.78 8.39
CA GLU A 6 -4.25 10.03 8.05
C GLU A 6 -5.09 10.10 9.31
N SER A 7 -6.17 10.89 9.24
N SER A 7 -6.25 10.76 9.20
CA SER A 7 -7.13 11.02 10.33
CA SER A 7 -7.24 10.72 10.28
C SER A 7 -8.48 11.40 9.74
C SER A 7 -7.79 9.30 10.46
N GLY A 8 -9.55 10.95 10.40
N GLY A 8 -8.43 9.07 11.61
CA GLY A 8 -10.88 11.10 9.88
CA GLY A 8 -8.77 7.73 12.04
C GLY A 8 -11.69 9.86 10.12
C GLY A 8 -9.81 7.01 11.19
N PRO A 9 -13.02 9.98 10.05
N PRO A 9 -9.86 5.68 11.32
CA PRO A 9 -13.88 8.86 10.40
CA PRO A 9 -10.79 4.90 10.51
C PRO A 9 -13.64 7.66 9.50
C PRO A 9 -12.22 5.05 10.98
N GLY A 10 -13.81 6.47 10.08
N GLY A 10 -13.15 4.76 10.09
CA GLY A 10 -13.74 5.21 9.37
CA GLY A 10 -14.54 4.73 10.49
C GLY A 10 -15.06 4.71 8.82
C GLY A 10 -15.48 4.79 9.29
N LEU A 11 -16.16 5.40 9.10
N LEU A 11 -16.75 5.00 9.61
CA LEU A 11 -17.48 5.04 8.61
CA LEU A 11 -17.86 4.93 8.68
C LEU A 11 -18.11 6.28 7.99
C LEU A 11 -18.09 6.25 7.98
N VAL A 12 -18.63 6.14 6.77
CA VAL A 12 -19.31 7.22 6.07
C VAL A 12 -20.61 6.64 5.51
N LYS A 13 -21.73 7.36 5.68
CA LYS A 13 -22.99 6.84 5.18
C LYS A 13 -23.12 7.05 3.68
N PRO A 14 -23.80 6.13 2.98
CA PRO A 14 -23.97 6.28 1.53
C PRO A 14 -24.61 7.62 1.18
N SER A 15 -24.10 8.22 0.10
N SER A 15 -24.13 8.22 0.09
CA SER A 15 -24.52 9.49 -0.48
CA SER A 15 -24.52 9.50 -0.51
C SER A 15 -24.11 10.68 0.37
C SER A 15 -23.96 10.69 0.25
N GLU A 16 -23.26 10.48 1.37
CA GLU A 16 -22.66 11.56 2.14
C GLU A 16 -21.20 11.75 1.70
N THR A 17 -20.51 12.67 2.37
CA THR A 17 -19.17 13.09 1.97
C THR A 17 -18.12 12.53 2.92
N LEU A 18 -17.12 11.89 2.33
CA LEU A 18 -15.97 11.39 3.07
C LEU A 18 -14.97 12.53 3.24
N SER A 19 -14.49 12.72 4.46
N SER A 19 -14.47 12.71 4.46
CA SER A 19 -13.51 13.75 4.77
CA SER A 19 -13.52 13.77 4.79
C SER A 19 -12.34 13.12 5.51
C SER A 19 -12.35 13.17 5.54
N LEU A 20 -11.13 13.32 4.99
CA LEU A 20 -9.90 12.86 5.63
C LEU A 20 -8.88 13.97 5.63
N THR A 21 -8.00 13.94 6.63
CA THR A 21 -6.89 14.87 6.70
C THR A 21 -5.59 14.08 6.86
N CYS A 22 -4.53 14.55 6.23
CA CYS A 22 -3.20 13.98 6.39
C CYS A 22 -2.30 15.00 7.09
N THR A 23 -1.69 14.59 8.20
CA THR A 23 -0.80 15.49 8.96
C THR A 23 0.64 15.04 8.75
N VAL A 24 1.49 15.96 8.30
CA VAL A 24 2.89 15.66 8.01
C VAL A 24 3.74 16.12 9.18
N SER A 25 4.68 15.26 9.61
CA SER A 25 5.59 15.61 10.69
C SER A 25 6.99 15.15 10.29
N GLY A 26 7.99 15.65 11.01
CA GLY A 26 9.38 15.40 10.64
C GLY A 26 9.76 15.97 9.29
N GLY A 27 9.00 16.93 8.78
CA GLY A 27 9.22 17.43 7.43
C GLY A 27 8.13 18.43 7.11
N SER A 28 8.31 19.12 5.99
CA SER A 28 7.44 20.22 5.63
C SER A 28 6.65 19.90 4.36
N ILE A 29 5.41 20.41 4.33
CA ILE A 29 4.57 20.33 3.13
C ILE A 29 5.21 21.09 1.97
N SER A 30 5.86 22.22 2.28
CA SER A 30 6.27 23.17 1.26
C SER A 30 7.24 22.55 0.28
N SER A 31 7.01 22.81 -1.01
CA SER A 31 7.80 22.47 -2.19
C SER A 31 7.46 21.09 -2.76
N TYR A 32 6.77 20.21 -2.04
CA TYR A 32 6.42 18.89 -2.54
C TYR A 32 5.00 18.85 -3.08
N TYR A 33 4.78 17.87 -3.96
CA TYR A 33 3.44 17.42 -4.34
C TYR A 33 3.01 16.32 -3.39
N TRP A 34 1.70 16.27 -3.11
CA TRP A 34 1.11 15.34 -2.16
C TRP A 34 -0.13 14.74 -2.78
N SER A 35 -0.32 13.42 -2.62
CA SER A 35 -1.47 12.76 -3.25
C SER A 35 -2.29 11.99 -2.22
N TRP A 36 -3.54 11.74 -2.60
CA TRP A 36 -4.39 10.72 -1.99
C TRP A 36 -4.50 9.55 -2.95
N ILE A 37 -4.38 8.34 -2.40
CA ILE A 37 -4.41 7.09 -3.15
C ILE A 37 -5.24 6.11 -2.33
N ARG A 38 -6.09 5.33 -2.97
CA ARG A 38 -6.95 4.41 -2.23
C ARG A 38 -6.85 2.97 -2.73
N GLN A 39 -7.32 2.05 -1.90
CA GLN A 39 -7.16 0.62 -2.18
C GLN A 39 -8.37 -0.11 -1.61
N PRO A 40 -9.34 -0.45 -2.45
CA PRO A 40 -10.47 -1.25 -1.99
C PRO A 40 -10.00 -2.59 -1.45
N PRO A 41 -10.73 -3.16 -0.50
CA PRO A 41 -10.28 -4.42 0.11
C PRO A 41 -10.11 -5.52 -0.92
N GLY A 42 -8.94 -6.18 -0.89
CA GLY A 42 -8.66 -7.25 -1.83
C GLY A 42 -8.31 -6.78 -3.23
N LYS A 43 -8.13 -5.48 -3.46
CA LYS A 43 -7.89 -4.99 -4.80
C LYS A 43 -6.63 -4.14 -4.86
N GLY A 44 -6.39 -3.53 -6.01
CA GLY A 44 -5.21 -2.72 -6.21
C GLY A 44 -5.44 -1.26 -5.88
N LEU A 45 -4.50 -0.44 -6.34
CA LEU A 45 -4.37 0.94 -5.91
C LEU A 45 -4.92 1.87 -6.96
N GLU A 46 -5.63 2.92 -6.53
CA GLU A 46 -6.21 3.91 -7.42
C GLU A 46 -5.81 5.30 -6.94
N TRP A 47 -5.15 6.06 -7.80
CA TRP A 47 -4.79 7.43 -7.47
C TRP A 47 -6.01 8.31 -7.52
N ILE A 48 -6.20 9.15 -6.51
CA ILE A 48 -7.37 10.06 -6.47
C ILE A 48 -7.02 11.45 -7.02
N GLY A 49 -5.91 12.04 -6.57
CA GLY A 49 -5.50 13.36 -7.04
C GLY A 49 -4.31 13.84 -6.25
N TYR A 50 -3.71 14.93 -6.72
CA TYR A 50 -2.61 15.55 -6.01
C TYR A 50 -2.91 17.02 -5.73
N VAL A 51 -2.14 17.57 -4.81
CA VAL A 51 -2.17 19.00 -4.51
C VAL A 51 -0.73 19.47 -4.35
N TYR A 52 -0.45 20.64 -4.90
CA TYR A 52 0.83 21.29 -4.68
C TYR A 52 0.69 22.26 -3.53
N TYR A 53 1.79 22.49 -2.80
CA TYR A 53 1.68 23.18 -1.51
C TYR A 53 0.96 24.51 -1.62
N SER A 54 1.05 25.18 -2.77
CA SER A 54 0.43 26.49 -2.95
C SER A 54 -1.04 26.42 -3.34
N GLY A 55 -1.58 25.23 -3.60
CA GLY A 55 -3.02 25.12 -3.75
C GLY A 55 -3.52 24.47 -5.03
N ASN A 56 -2.72 24.48 -6.09
N ASN A 56 -2.71 24.48 -6.09
CA ASN A 56 -3.15 23.86 -7.32
CA ASN A 56 -3.12 23.85 -7.34
C ASN A 56 -3.35 22.36 -7.12
C ASN A 56 -3.32 22.35 -7.15
N THR A 57 -4.36 21.81 -7.80
CA THR A 57 -4.74 20.41 -7.65
C THR A 57 -4.86 19.77 -9.02
N LYS A 58 -4.86 18.45 -9.05
CA LYS A 58 -5.22 17.70 -10.24
C LYS A 58 -5.85 16.39 -9.78
N TYR A 59 -6.98 16.01 -10.41
CA TYR A 59 -7.78 14.88 -9.98
C TYR A 59 -7.84 13.80 -11.05
N ASN A 60 -7.94 12.55 -10.60
CA ASN A 60 -8.27 11.48 -11.50
C ASN A 60 -9.56 11.80 -12.25
N PRO A 61 -9.57 11.74 -13.58
CA PRO A 61 -10.82 12.02 -14.31
C PRO A 61 -12.00 11.16 -13.87
N SER A 62 -11.75 9.96 -13.33
CA SER A 62 -12.85 9.08 -12.91
C SER A 62 -13.57 9.61 -11.67
N LEU A 63 -12.93 10.51 -10.94
CA LEU A 63 -13.42 11.02 -9.68
C LEU A 63 -13.61 12.54 -9.68
N LYS A 64 -13.16 13.21 -10.75
CA LYS A 64 -13.00 14.66 -10.72
C LYS A 64 -14.30 15.37 -10.33
N SER A 65 -15.43 14.88 -10.82
CA SER A 65 -16.71 15.54 -10.58
C SER A 65 -17.13 15.55 -9.11
N ARG A 66 -16.51 14.74 -8.24
CA ARG A 66 -17.01 14.69 -6.87
C ARG A 66 -15.89 14.71 -5.82
N VAL A 67 -14.72 15.23 -6.13
CA VAL A 67 -13.61 15.24 -5.19
C VAL A 67 -13.03 16.66 -5.09
N THR A 68 -12.64 17.04 -3.89
CA THR A 68 -11.76 18.18 -3.70
C THR A 68 -10.59 17.81 -2.79
N ILE A 69 -9.44 18.37 -3.09
CA ILE A 69 -8.26 18.27 -2.24
C ILE A 69 -7.81 19.68 -1.88
N SER A 70 -7.47 19.90 -0.62
CA SER A 70 -7.05 21.20 -0.12
C SER A 70 -5.79 21.03 0.70
N VAL A 71 -5.10 22.14 0.97
CA VAL A 71 -3.83 22.11 1.68
C VAL A 71 -3.77 23.30 2.62
N ASP A 72 -3.14 23.09 3.78
CA ASP A 72 -3.07 24.09 4.86
C ASP A 72 -1.65 24.07 5.38
N THR A 73 -0.80 24.92 4.80
CA THR A 73 0.61 24.93 5.16
C THR A 73 0.84 25.34 6.61
N SER A 74 -0.05 26.15 7.19
CA SER A 74 0.18 26.56 8.57
C SER A 74 -0.02 25.40 9.54
N LYS A 75 -0.79 24.39 9.13
CA LYS A 75 -0.99 23.19 9.92
C LYS A 75 -0.20 22.00 9.38
N ASN A 76 0.57 22.19 8.31
CA ASN A 76 1.35 21.10 7.71
C ASN A 76 0.44 19.91 7.39
N GLN A 77 -0.72 20.22 6.82
N GLN A 77 -0.72 20.21 6.81
CA GLN A 77 -1.76 19.25 6.54
CA GLN A 77 -1.71 19.19 6.53
C GLN A 77 -2.28 19.41 5.12
C GLN A 77 -2.30 19.41 5.15
N PHE A 78 -2.86 18.34 4.59
CA PHE A 78 -3.68 18.44 3.39
C PHE A 78 -4.84 17.48 3.59
N SER A 79 -5.91 17.68 2.81
N SER A 79 -5.90 17.69 2.82
CA SER A 79 -7.16 17.03 3.14
CA SER A 79 -7.16 17.03 3.12
C SER A 79 -7.95 16.68 1.87
C SER A 79 -7.82 16.54 1.83
N LEU A 80 -8.78 15.65 2.00
CA LEU A 80 -9.56 15.07 0.92
C LEU A 80 -11.03 15.20 1.28
N LYS A 81 -11.86 15.55 0.30
CA LYS A 81 -13.30 15.43 0.42
C LYS A 81 -13.80 14.68 -0.80
N LEU A 82 -14.55 13.62 -0.58
CA LEU A 82 -15.07 12.77 -1.65
C LEU A 82 -16.57 12.68 -1.46
N GLY A 83 -17.34 13.24 -2.39
CA GLY A 83 -18.76 13.33 -2.18
C GLY A 83 -19.55 12.16 -2.75
N SER A 84 -20.80 12.06 -2.29
CA SER A 84 -21.78 11.15 -2.88
C SER A 84 -21.29 9.70 -2.87
N VAL A 85 -20.76 9.25 -1.72
CA VAL A 85 -20.05 7.97 -1.71
C VAL A 85 -21.03 6.81 -1.86
N THR A 86 -20.53 5.69 -2.36
CA THR A 86 -21.23 4.42 -2.37
C THR A 86 -20.27 3.35 -1.88
N ALA A 87 -20.74 2.10 -1.88
CA ALA A 87 -19.90 0.99 -1.45
C ALA A 87 -18.65 0.85 -2.31
N ALA A 88 -18.68 1.33 -3.56
CA ALA A 88 -17.49 1.31 -4.39
C ALA A 88 -16.38 2.20 -3.86
N ASP A 89 -16.71 3.10 -2.92
CA ASP A 89 -15.70 3.94 -2.29
C ASP A 89 -15.15 3.37 -0.99
N THR A 90 -15.62 2.20 -0.55
CA THR A 90 -15.01 1.55 0.59
C THR A 90 -13.58 1.17 0.24
N ALA A 91 -12.62 1.62 1.04
CA ALA A 91 -11.21 1.41 0.72
C ALA A 91 -10.33 1.87 1.87
N VAL A 92 -9.09 1.40 1.87
CA VAL A 92 -8.04 2.05 2.64
C VAL A 92 -7.58 3.28 1.86
N TYR A 93 -7.63 4.44 2.51
CA TYR A 93 -7.19 5.71 1.90
C TYR A 93 -5.81 6.06 2.43
N TYR A 94 -4.86 6.30 1.54
CA TYR A 94 -3.49 6.66 1.88
C TYR A 94 -3.21 8.09 1.47
N CYS A 95 -2.48 8.81 2.31
CA CYS A 95 -1.80 9.98 1.79
C CYS A 95 -0.36 9.62 1.47
N ALA A 96 0.20 10.32 0.49
CA ALA A 96 1.54 9.99 0.01
C ALA A 96 2.26 11.23 -0.49
N ARG A 97 3.58 11.24 -0.30
CA ARG A 97 4.42 12.30 -0.84
C ARG A 97 5.01 11.89 -2.17
N HIS A 98 5.11 12.85 -3.09
CA HIS A 98 5.86 12.68 -4.33
C HIS A 98 7.32 13.02 -4.08
N SER A 99 8.21 12.22 -4.62
CA SER A 99 9.63 12.50 -4.52
C SER A 99 9.99 13.74 -5.34
N ARG A 100 11.22 14.17 -5.20
CA ARG A 100 11.74 15.28 -6.00
C ARG A 100 12.92 14.79 -6.80
N ILE A 101 13.11 15.37 -7.99
CA ILE A 101 14.34 15.28 -8.75
C ILE A 101 14.77 16.73 -9.04
N GLU A 102 15.92 17.14 -8.50
CA GLU A 102 16.29 18.58 -8.42
C GLU A 102 15.09 19.34 -7.89
N VAL A 103 14.63 20.42 -8.55
CA VAL A 103 13.49 21.17 -8.07
C VAL A 103 12.17 20.62 -8.58
N ALA A 104 12.17 19.57 -9.38
CA ALA A 104 10.94 19.03 -9.93
C ALA A 104 10.37 17.95 -9.02
N GLY A 105 9.03 17.87 -8.95
CA GLY A 105 8.41 16.70 -8.36
C GLY A 105 8.27 15.58 -9.40
N THR A 106 8.05 14.36 -8.91
CA THR A 106 7.84 13.18 -9.74
C THR A 106 6.42 12.65 -9.52
N LEU A 107 6.08 11.59 -10.25
CA LEU A 107 4.94 10.77 -9.90
C LEU A 107 5.42 9.49 -9.19
N ASP A 108 6.41 9.63 -8.31
CA ASP A 108 6.95 8.51 -7.55
C ASP A 108 6.62 8.76 -6.09
N PHE A 109 5.97 7.79 -5.42
CA PHE A 109 5.41 8.03 -4.10
C PHE A 109 6.39 7.47 -3.07
N ASP A 110 7.24 8.34 -2.49
CA ASP A 110 8.35 7.83 -1.70
C ASP A 110 8.05 7.72 -0.22
N TYR A 111 7.06 8.45 0.29
CA TYR A 111 6.62 8.26 1.66
C TYR A 111 5.11 8.15 1.67
N TRP A 112 4.59 7.25 2.50
CA TRP A 112 3.16 6.99 2.61
C TRP A 112 2.71 7.08 4.05
N GLY A 113 1.44 7.46 4.24
CA GLY A 113 0.80 7.29 5.53
C GLY A 113 0.56 5.82 5.83
N GLN A 114 0.01 5.57 7.01
N GLN A 114 0.01 5.57 7.02
CA GLN A 114 -0.31 4.20 7.41
CA GLN A 114 -0.34 4.21 7.45
C GLN A 114 -1.59 3.66 6.79
C GLN A 114 -1.55 3.66 6.71
N GLY A 115 -2.41 4.52 6.18
CA GLY A 115 -3.65 4.08 5.59
C GLY A 115 -4.77 4.16 6.59
N THR A 116 -5.93 4.66 6.16
CA THR A 116 -7.10 4.61 7.03
C THR A 116 -8.26 3.95 6.30
N LEU A 117 -8.84 2.91 6.90
CA LEU A 117 -9.94 2.18 6.28
C LEU A 117 -11.24 2.98 6.44
N VAL A 118 -11.88 3.31 5.34
CA VAL A 118 -13.16 3.99 5.33
C VAL A 118 -14.17 3.01 4.78
N THR A 119 -15.20 2.71 5.56
CA THR A 119 -16.25 1.80 5.16
C THR A 119 -17.50 2.62 4.86
N VAL A 120 -18.04 2.49 3.65
CA VAL A 120 -19.28 3.16 3.30
C VAL A 120 -20.46 2.25 3.63
N SER A 121 -21.25 2.66 4.61
CA SER A 121 -22.31 1.82 5.13
C SER A 121 -23.26 2.69 5.92
N SER A 122 -24.55 2.32 5.89
N SER A 122 -24.55 2.32 5.89
CA SER A 122 -25.56 2.99 6.68
CA SER A 122 -25.59 2.98 6.67
C SER A 122 -25.56 2.56 8.14
C SER A 122 -25.66 2.47 8.11
N ALA A 123 -24.86 1.47 8.46
CA ALA A 123 -24.96 0.81 9.76
C ALA A 123 -24.25 1.60 10.84
N SER A 124 -24.52 1.23 12.08
CA SER A 124 -24.00 1.95 13.23
C SER A 124 -22.62 1.45 13.60
N THR A 125 -21.83 2.36 14.16
CA THR A 125 -20.53 1.97 14.74
C THR A 125 -20.80 1.23 16.04
N LYS A 126 -20.20 0.04 16.19
CA LYS A 126 -20.48 -0.82 17.34
C LYS A 126 -19.18 -1.46 17.83
N GLY A 127 -18.88 -1.34 19.13
CA GLY A 127 -17.68 -1.91 19.68
C GLY A 127 -17.79 -3.40 19.94
N PRO A 128 -16.65 -4.06 20.03
CA PRO A 128 -16.64 -5.51 20.21
C PRO A 128 -16.85 -5.94 21.65
N SER A 129 -17.29 -7.20 21.78
CA SER A 129 -17.12 -7.96 23.01
C SER A 129 -15.84 -8.77 22.89
N VAL A 130 -15.12 -8.96 23.99
CA VAL A 130 -13.87 -9.71 23.98
C VAL A 130 -14.02 -10.91 24.91
N PHE A 131 -13.85 -12.10 24.36
CA PHE A 131 -14.02 -13.34 25.12
C PHE A 131 -12.69 -14.10 25.13
N PRO A 132 -12.37 -14.82 26.20
CA PRO A 132 -11.09 -15.53 26.24
C PRO A 132 -11.17 -16.82 25.45
N LEU A 133 -10.08 -17.15 24.76
CA LEU A 133 -9.88 -18.52 24.24
C LEU A 133 -8.90 -19.16 25.21
N ALA A 134 -9.44 -19.80 26.24
CA ALA A 134 -8.63 -20.21 27.38
C ALA A 134 -7.78 -21.42 27.02
N PRO A 135 -6.52 -21.45 27.46
CA PRO A 135 -5.71 -22.65 27.26
C PRO A 135 -6.24 -23.78 28.12
N SER A 136 -6.25 -24.98 27.54
CA SER A 136 -6.73 -26.16 28.24
C SER A 136 -6.00 -27.35 27.68
N SER A 137 -6.40 -28.55 28.13
CA SER A 137 -5.78 -29.75 27.59
C SER A 137 -6.02 -29.89 26.10
N LYS A 138 -7.15 -29.37 25.59
CA LYS A 138 -7.50 -29.46 24.17
C LYS A 138 -6.78 -28.43 23.30
N SER A 139 -6.08 -27.47 23.92
CA SER A 139 -5.22 -26.56 23.18
C SER A 139 -3.78 -26.61 23.68
N THR A 140 -3.40 -27.76 24.22
CA THR A 140 -2.06 -28.01 24.74
C THR A 140 -1.62 -29.35 24.14
N SER A 141 -0.85 -29.29 23.06
CA SER A 141 -0.24 -30.47 22.46
C SER A 141 1.18 -30.56 22.97
N GLY A 142 1.41 -31.45 23.95
CA GLY A 142 2.72 -31.61 24.55
C GLY A 142 3.27 -30.35 25.23
N GLY A 143 4.42 -29.88 24.76
CA GLY A 143 5.07 -28.73 25.35
C GLY A 143 4.60 -27.38 24.86
N THR A 144 3.62 -27.34 23.97
CA THR A 144 3.12 -26.08 23.43
C THR A 144 1.63 -25.97 23.72
N ALA A 145 1.23 -24.80 24.21
CA ALA A 145 -0.15 -24.50 24.48
C ALA A 145 -0.58 -23.32 23.61
N ALA A 146 -1.86 -23.26 23.29
CA ALA A 146 -2.40 -22.11 22.57
C ALA A 146 -3.46 -21.43 23.42
N LEU A 147 -3.49 -20.10 23.36
CA LEU A 147 -4.53 -19.33 24.02
C LEU A 147 -4.83 -18.12 23.14
N GLY A 148 -5.93 -17.45 23.42
CA GLY A 148 -6.25 -16.32 22.58
C GLY A 148 -7.39 -15.51 23.13
N CYS A 149 -7.83 -14.57 22.28
CA CYS A 149 -9.00 -13.75 22.51
C CYS A 149 -9.87 -13.77 21.26
N LEU A 150 -11.18 -13.82 21.49
CA LEU A 150 -12.17 -13.75 20.43
C LEU A 150 -12.79 -12.36 20.51
N VAL A 151 -12.70 -11.61 19.43
CA VAL A 151 -13.10 -10.20 19.41
C VAL A 151 -14.31 -10.16 18.50
N LYS A 152 -15.51 -10.05 19.08
CA LYS A 152 -16.72 -10.45 18.37
C LYS A 152 -17.73 -9.30 18.31
N ASP A 153 -18.43 -9.22 17.18
CA ASP A 153 -19.64 -8.41 17.00
C ASP A 153 -19.35 -6.90 16.97
N TYR A 154 -18.36 -6.50 16.18
CA TYR A 154 -18.05 -5.08 16.03
C TYR A 154 -18.26 -4.61 14.60
N PHE A 155 -18.33 -3.28 14.46
CA PHE A 155 -18.49 -2.70 13.13
C PHE A 155 -18.08 -1.24 13.18
N PRO A 156 -17.39 -0.73 12.16
CA PRO A 156 -16.77 -1.40 11.00
C PRO A 156 -15.39 -1.93 11.40
N GLU A 157 -14.68 -2.50 10.45
N GLU A 157 -14.67 -2.49 10.45
CA GLU A 157 -13.25 -2.76 10.62
CA GLU A 157 -13.26 -2.75 10.63
C GLU A 157 -12.53 -1.41 10.74
C GLU A 157 -12.52 -1.41 10.72
N PRO A 158 -11.32 -1.39 11.32
CA PRO A 158 -10.55 -2.51 11.85
C PRO A 158 -10.49 -2.56 13.35
N VAL A 159 -9.97 -3.69 13.85
N VAL A 159 -10.08 -3.70 13.88
CA VAL A 159 -9.61 -3.88 15.25
CA VAL A 159 -9.57 -3.76 15.25
C VAL A 159 -8.14 -4.26 15.30
C VAL A 159 -8.09 -4.04 15.17
N THR A 160 -7.39 -3.63 16.21
CA THR A 160 -5.99 -4.02 16.41
C THR A 160 -5.88 -4.76 17.72
N VAL A 161 -5.00 -5.75 17.76
CA VAL A 161 -4.79 -6.55 18.95
C VAL A 161 -3.29 -6.62 19.21
N SER A 162 -2.87 -6.35 20.44
CA SER A 162 -1.52 -6.68 20.87
C SER A 162 -1.63 -7.59 22.08
N TRP A 163 -0.50 -8.12 22.53
CA TRP A 163 -0.46 -8.95 23.73
C TRP A 163 0.51 -8.37 24.73
N ASN A 164 0.07 -8.32 26.00
CA ASN A 164 0.91 -7.87 27.11
C ASN A 164 1.53 -6.51 26.80
N SER A 165 0.68 -5.62 26.26
CA SER A 165 1.06 -4.24 25.96
C SER A 165 2.23 -4.17 24.99
N GLY A 166 2.31 -5.13 24.06
CA GLY A 166 3.38 -5.18 23.09
C GLY A 166 4.61 -5.96 23.52
N ALA A 167 4.67 -6.43 24.76
CA ALA A 167 5.82 -7.18 25.25
C ALA A 167 5.85 -8.62 24.76
N LEU A 168 4.71 -9.14 24.28
CA LEU A 168 4.62 -10.50 23.77
C LEU A 168 4.35 -10.43 22.28
N THR A 169 5.34 -10.78 21.47
CA THR A 169 5.15 -10.85 20.04
C THR A 169 5.44 -12.21 19.42
N SER A 170 6.35 -12.99 20.00
CA SER A 170 6.67 -14.29 19.42
C SER A 170 5.49 -15.24 19.56
N GLY A 171 5.14 -15.91 18.46
CA GLY A 171 4.04 -16.86 18.46
C GLY A 171 2.65 -16.26 18.34
N VAL A 172 2.53 -14.94 18.19
CA VAL A 172 1.22 -14.30 18.08
C VAL A 172 0.71 -14.42 16.65
N HIS A 173 -0.55 -14.81 16.49
CA HIS A 173 -1.22 -14.84 15.19
C HIS A 173 -2.54 -14.10 15.32
N THR A 174 -2.68 -12.97 14.67
CA THR A 174 -3.94 -12.25 14.65
C THR A 174 -4.55 -12.42 13.27
N PHE A 175 -5.71 -13.02 13.21
CA PHE A 175 -6.29 -13.44 11.94
C PHE A 175 -7.10 -12.33 11.32
N PRO A 176 -7.26 -12.38 10.00
CA PRO A 176 -8.21 -11.46 9.34
C PRO A 176 -9.60 -11.62 9.92
N ALA A 177 -10.29 -10.50 10.08
CA ALA A 177 -11.67 -10.59 10.54
C ALA A 177 -12.55 -11.28 9.50
N VAL A 178 -13.66 -11.86 9.95
CA VAL A 178 -14.66 -12.41 9.06
C VAL A 178 -15.95 -11.62 9.27
N LEU A 179 -16.66 -11.38 8.18
CA LEU A 179 -17.95 -10.72 8.23
C LEU A 179 -19.02 -11.76 8.48
N GLN A 180 -19.69 -11.67 9.62
CA GLN A 180 -20.71 -12.64 9.96
C GLN A 180 -22.03 -12.31 9.25
N SER A 181 -22.93 -13.30 9.25
CA SER A 181 -24.22 -13.10 8.59
C SER A 181 -25.04 -12.00 9.28
N SER A 182 -24.69 -11.61 10.50
CA SER A 182 -25.33 -10.48 11.18
C SER A 182 -24.89 -9.13 10.62
N GLY A 183 -23.85 -9.12 9.79
CA GLY A 183 -23.25 -7.89 9.33
C GLY A 183 -22.25 -7.27 10.29
N LEU A 184 -21.89 -7.96 11.36
CA LEU A 184 -20.86 -7.56 12.31
C LEU A 184 -19.64 -8.43 12.05
N TYR A 185 -18.47 -7.90 12.36
CA TYR A 185 -17.22 -8.64 12.21
C TYR A 185 -16.89 -9.41 13.47
N SER A 186 -16.07 -10.46 13.30
CA SER A 186 -15.47 -11.22 14.37
C SER A 186 -14.03 -11.49 13.99
N LEU A 187 -13.14 -11.50 14.97
CA LEU A 187 -11.74 -11.79 14.74
C LEU A 187 -11.17 -12.56 15.91
N SER A 188 -10.20 -13.42 15.65
N SER A 188 -10.22 -13.44 15.64
CA SER A 188 -9.49 -14.10 16.73
CA SER A 188 -9.48 -14.09 16.70
C SER A 188 -8.00 -13.76 16.67
C SER A 188 -8.01 -13.70 16.67
N SER A 189 -7.41 -13.60 17.85
CA SER A 189 -5.96 -13.45 18.00
C SER A 189 -5.49 -14.55 18.94
N VAL A 190 -4.48 -15.30 18.54
CA VAL A 190 -4.00 -16.38 19.38
C VAL A 190 -2.50 -16.25 19.57
N VAL A 191 -2.00 -16.91 20.61
CA VAL A 191 -0.57 -17.04 20.85
C VAL A 191 -0.28 -18.48 21.23
N THR A 192 0.82 -19.01 20.73
CA THR A 192 1.32 -20.28 21.24
C THR A 192 2.44 -20.02 22.24
N VAL A 193 2.41 -20.72 23.36
CA VAL A 193 3.34 -20.46 24.46
C VAL A 193 3.79 -21.79 25.05
N PRO A 194 4.91 -21.79 25.77
CA PRO A 194 5.29 -22.99 26.52
C PRO A 194 4.21 -23.36 27.54
N SER A 195 3.93 -24.67 27.61
CA SER A 195 2.91 -25.15 28.54
C SER A 195 3.25 -24.81 29.99
N SER A 196 4.54 -24.82 30.36
CA SER A 196 4.94 -24.45 31.72
C SER A 196 4.65 -23.00 32.07
N SER A 197 4.35 -22.15 31.09
CA SER A 197 4.10 -20.74 31.39
C SER A 197 2.64 -20.47 31.73
N LEU A 198 1.76 -21.45 31.58
CA LEU A 198 0.36 -21.27 31.96
C LEU A 198 0.23 -21.10 33.47
N GLY A 199 -0.48 -20.05 33.90
CA GLY A 199 -0.58 -19.70 35.30
C GLY A 199 0.62 -18.98 35.86
N THR A 200 1.71 -18.90 35.09
CA THR A 200 2.93 -18.23 35.49
C THR A 200 3.07 -16.87 34.80
N GLN A 201 3.07 -16.89 33.48
CA GLN A 201 2.99 -15.66 32.72
C GLN A 201 1.54 -15.23 32.68
N THR A 202 1.30 -13.95 32.97
CA THR A 202 -0.03 -13.39 32.74
C THR A 202 -0.12 -13.05 31.26
N TYR A 203 -1.24 -13.43 30.64
CA TYR A 203 -1.48 -13.18 29.24
C TYR A 203 -2.70 -12.27 29.13
N ILE A 204 -2.49 -11.08 28.54
CA ILE A 204 -3.56 -10.10 28.40
C ILE A 204 -3.58 -9.67 26.94
N CYS A 205 -4.72 -9.80 26.29
CA CYS A 205 -4.83 -9.24 24.94
C CYS A 205 -5.34 -7.81 25.01
N ASN A 206 -4.67 -6.93 24.28
CA ASN A 206 -5.05 -5.52 24.25
C ASN A 206 -5.79 -5.23 22.95
N VAL A 207 -7.09 -4.96 23.06
CA VAL A 207 -7.97 -4.77 21.91
C VAL A 207 -8.31 -3.28 21.78
N ASN A 208 -8.15 -2.75 20.57
CA ASN A 208 -8.52 -1.38 20.24
C ASN A 208 -9.41 -1.38 19.01
N HIS A 209 -10.63 -0.89 19.15
CA HIS A 209 -11.53 -0.66 18.02
C HIS A 209 -11.67 0.85 17.90
N LYS A 210 -10.80 1.46 17.11
CA LYS A 210 -10.80 2.92 17.02
C LYS A 210 -12.10 3.54 16.54
N PRO A 211 -12.86 2.94 15.61
CA PRO A 211 -14.10 3.61 15.18
C PRO A 211 -15.09 3.88 16.32
N SER A 212 -15.14 3.02 17.34
CA SER A 212 -16.08 3.18 18.44
C SER A 212 -15.38 3.67 19.70
N ASN A 213 -14.08 3.94 19.60
CA ASN A 213 -13.26 4.32 20.75
C ASN A 213 -13.38 3.30 21.88
N THR A 214 -13.42 2.01 21.52
CA THR A 214 -13.52 0.93 22.49
C THR A 214 -12.14 0.30 22.69
N LYS A 215 -11.64 0.30 23.92
CA LYS A 215 -10.40 -0.39 24.26
C LYS A 215 -10.64 -1.33 25.42
N VAL A 216 -10.16 -2.57 25.27
CA VAL A 216 -10.37 -3.60 26.28
C VAL A 216 -9.06 -4.34 26.47
N ASP A 217 -8.64 -4.54 27.73
CA ASP A 217 -7.51 -5.42 28.07
C ASP A 217 -8.10 -6.64 28.77
N LYS A 218 -8.06 -7.81 28.09
CA LYS A 218 -8.70 -9.03 28.59
C LYS A 218 -7.64 -10.01 29.06
N ARG A 219 -7.67 -10.35 30.34
N ARG A 219 -7.68 -10.37 30.34
CA ARG A 219 -6.78 -11.40 30.83
CA ARG A 219 -6.78 -11.40 30.84
C ARG A 219 -7.33 -12.76 30.45
C ARG A 219 -7.33 -12.77 30.48
N VAL A 220 -6.45 -13.64 29.99
CA VAL A 220 -6.80 -14.97 29.53
C VAL A 220 -6.15 -15.96 30.47
N GLU A 221 -6.96 -16.71 31.20
CA GLU A 221 -6.43 -17.65 32.16
C GLU A 221 -6.84 -19.07 31.78
N PRO A 222 -6.06 -20.07 32.21
CA PRO A 222 -6.39 -21.46 31.87
C PRO A 222 -7.71 -21.90 32.47
N LYS A 223 -8.24 -22.99 31.92
CA LYS A 223 -9.44 -23.65 32.46
C LYS A 223 -10.65 -22.72 32.40
N ASP B 1 -6.55 6.34 -20.30
CA ASP B 1 -5.52 6.15 -19.28
C ASP B 1 -4.58 5.05 -19.73
N ILE B 2 -3.47 4.88 -19.03
CA ILE B 2 -2.49 3.84 -19.37
C ILE B 2 -2.79 2.65 -18.49
N GLN B 3 -2.96 1.47 -19.10
CA GLN B 3 -3.27 0.23 -18.40
C GLN B 3 -1.98 -0.55 -18.15
N MET B 4 -1.80 -0.98 -16.91
CA MET B 4 -0.62 -1.75 -16.49
C MET B 4 -1.07 -3.16 -16.17
N THR B 5 -0.41 -4.14 -16.78
N THR B 5 -0.46 -4.14 -16.81
CA THR B 5 -0.77 -5.55 -16.67
CA THR B 5 -0.82 -5.53 -16.59
C THR B 5 0.37 -6.35 -16.07
C THR B 5 0.38 -6.26 -16.01
N GLN B 6 0.17 -6.91 -14.88
CA GLN B 6 1.19 -7.71 -14.20
C GLN B 6 0.96 -9.21 -14.41
N SER B 7 2.07 -9.94 -14.49
CA SER B 7 2.03 -11.39 -14.54
C SER B 7 3.26 -11.92 -13.80
N PRO B 8 3.15 -13.08 -13.13
CA PRO B 8 1.91 -13.83 -12.93
C PRO B 8 1.07 -13.13 -11.85
N SER B 9 -0.14 -13.60 -11.59
CA SER B 9 -0.89 -13.02 -10.47
C SER B 9 -0.35 -13.51 -9.13
N SER B 10 0.31 -14.66 -9.11
CA SER B 10 0.88 -15.15 -7.86
C SER B 10 1.99 -16.13 -8.22
N LEU B 11 2.94 -16.29 -7.29
CA LEU B 11 3.98 -17.29 -7.50
C LEU B 11 4.54 -17.73 -6.15
N SER B 12 5.24 -18.86 -6.18
N SER B 12 5.13 -18.92 -6.15
CA SER B 12 5.83 -19.48 -5.00
CA SER B 12 5.85 -19.44 -5.01
C SER B 12 7.25 -19.89 -5.33
C SER B 12 7.29 -19.71 -5.44
N ALA B 13 8.23 -19.40 -4.56
CA ALA B 13 9.63 -19.67 -4.84
C ALA B 13 10.40 -19.91 -3.55
N SER B 14 11.47 -20.69 -3.63
CA SER B 14 12.20 -21.08 -2.43
C SER B 14 13.18 -19.99 -2.02
N VAL B 15 13.51 -19.95 -0.74
CA VAL B 15 14.54 -19.02 -0.28
C VAL B 15 15.83 -19.26 -1.06
N GLY B 16 16.45 -18.16 -1.52
CA GLY B 16 17.65 -18.23 -2.31
C GLY B 16 17.43 -18.35 -3.80
N ASP B 17 16.19 -18.56 -4.24
CA ASP B 17 15.84 -18.55 -5.65
C ASP B 17 15.80 -17.14 -6.21
N ARG B 18 15.94 -17.04 -7.51
CA ARG B 18 15.69 -15.80 -8.22
C ARG B 18 14.20 -15.76 -8.53
N VAL B 19 13.60 -14.58 -8.36
CA VAL B 19 12.19 -14.34 -8.72
C VAL B 19 12.16 -13.17 -9.70
N THR B 20 11.41 -13.34 -10.80
N THR B 20 11.51 -13.38 -10.84
CA THR B 20 11.24 -12.26 -11.77
CA THR B 20 11.19 -12.29 -11.75
C THR B 20 9.77 -12.10 -12.14
C THR B 20 9.69 -12.14 -11.85
N ILE B 21 9.23 -10.90 -11.88
CA ILE B 21 7.83 -10.61 -12.13
C ILE B 21 7.73 -9.54 -13.21
N THR B 22 6.67 -9.63 -14.00
CA THR B 22 6.54 -8.85 -15.24
C THR B 22 5.45 -7.79 -15.12
N CYS B 23 5.71 -6.64 -15.73
CA CYS B 23 4.68 -5.60 -15.80
C CYS B 23 4.70 -5.05 -17.21
N ARG B 24 3.54 -4.97 -17.87
CA ARG B 24 3.51 -4.48 -19.24
C ARG B 24 2.50 -3.35 -19.38
N ALA B 25 2.90 -2.33 -20.12
CA ALA B 25 2.10 -1.12 -20.28
C ALA B 25 1.37 -1.15 -21.61
N SER B 26 0.23 -0.46 -21.67
CA SER B 26 -0.58 -0.38 -22.89
C SER B 26 -0.05 0.63 -23.89
N GLN B 27 0.87 1.50 -23.47
CA GLN B 27 1.54 2.41 -24.37
C GLN B 27 2.99 2.55 -23.90
N SER B 28 3.88 2.99 -24.79
CA SER B 28 5.25 3.21 -24.36
C SER B 28 5.32 4.26 -23.27
N ILE B 29 6.03 3.94 -22.18
CA ILE B 29 6.27 4.87 -21.08
C ILE B 29 7.76 5.04 -20.81
N ARG B 30 8.61 4.61 -21.76
CA ARG B 30 10.07 4.67 -21.66
C ARG B 30 10.46 4.11 -20.28
N SER B 31 11.16 4.86 -19.44
N SER B 31 11.16 4.88 -19.45
CA SER B 31 11.55 4.31 -18.13
CA SER B 31 11.59 4.38 -18.14
C SER B 31 10.77 4.92 -16.98
C SER B 31 10.77 4.95 -16.98
N TYR B 32 9.60 5.51 -17.26
CA TYR B 32 8.76 6.13 -16.22
C TYR B 32 7.93 5.05 -15.55
N LEU B 33 8.58 4.25 -14.68
CA LEU B 33 7.93 3.06 -14.15
C LEU B 33 8.48 2.77 -12.75
N ASN B 34 7.59 2.63 -11.74
CA ASN B 34 7.99 2.38 -10.36
C ASN B 34 7.51 1.01 -9.92
N TRP B 35 8.21 0.43 -8.97
CA TRP B 35 7.76 -0.80 -8.30
C TRP B 35 7.64 -0.57 -6.79
N TYR B 36 6.56 -1.12 -6.21
CA TYR B 36 6.30 -1.08 -4.77
C TYR B 36 6.14 -2.48 -4.17
N GLN B 37 6.54 -2.61 -2.90
CA GLN B 37 6.25 -3.79 -2.10
C GLN B 37 5.14 -3.47 -1.09
N GLN B 38 4.17 -4.36 -0.93
CA GLN B 38 3.10 -4.12 0.06
C GLN B 38 2.87 -5.37 0.90
N LYS B 39 3.12 -5.25 2.19
CA LYS B 39 2.82 -6.28 3.18
C LYS B 39 1.38 -6.12 3.68
N ARG B 40 0.83 -7.21 4.21
CA ARG B 40 -0.55 -7.16 4.70
C ARG B 40 -0.74 -6.09 5.76
N GLY B 41 -1.74 -5.25 5.58
CA GLY B 41 -2.06 -4.22 6.56
C GLY B 41 -1.13 -3.02 6.56
N LYS B 42 -0.19 -2.93 5.61
CA LYS B 42 0.80 -1.87 5.56
C LYS B 42 0.68 -1.09 4.25
N ALA B 43 1.25 0.09 4.25
CA ALA B 43 1.29 0.88 3.02
C ALA B 43 2.31 0.30 2.04
N PRO B 44 2.12 0.53 0.73
CA PRO B 44 3.19 0.20 -0.22
C PRO B 44 4.47 0.92 0.14
N LYS B 45 5.57 0.29 -0.22
CA LYS B 45 6.92 0.81 -0.03
C LYS B 45 7.61 0.88 -1.39
N LEU B 46 8.12 2.05 -1.73
CA LEU B 46 8.79 2.23 -3.02
C LEU B 46 10.09 1.42 -3.06
N LEU B 47 10.22 0.53 -4.05
CA LEU B 47 11.45 -0.25 -4.24
C LEU B 47 12.35 0.30 -5.33
N ILE B 48 11.76 0.56 -6.50
CA ILE B 48 12.47 0.91 -7.73
C ILE B 48 11.75 2.10 -8.33
N TYR B 49 12.52 3.07 -8.83
CA TYR B 49 11.93 4.16 -9.60
C TYR B 49 12.70 4.30 -10.91
N ALA B 50 12.10 5.01 -11.86
CA ALA B 50 12.77 5.20 -13.17
C ALA B 50 13.19 3.86 -13.79
N ALA B 51 12.31 2.86 -13.58
CA ALA B 51 12.40 1.50 -14.08
C ALA B 51 13.52 0.68 -13.46
N SER B 52 14.66 1.28 -13.08
CA SER B 52 15.78 0.46 -12.63
C SER B 52 16.60 1.09 -11.51
N SER B 53 16.17 2.21 -10.94
CA SER B 53 16.94 2.83 -9.86
C SER B 53 16.47 2.30 -8.51
N LEU B 54 17.41 1.82 -7.72
CA LEU B 54 17.10 1.28 -6.41
C LEU B 54 16.86 2.41 -5.41
N GLN B 55 15.70 2.39 -4.76
CA GLN B 55 15.39 3.40 -3.76
C GLN B 55 16.30 3.24 -2.55
N SER B 56 16.76 4.37 -2.01
CA SER B 56 17.69 4.30 -0.90
C SER B 56 17.07 3.53 0.26
N GLY B 57 17.88 2.67 0.87
CA GLY B 57 17.44 1.82 1.94
C GLY B 57 16.89 0.47 1.51
N VAL B 58 16.62 0.27 0.23
CA VAL B 58 16.03 -0.99 -0.24
C VAL B 58 17.16 -1.99 -0.48
N PRO B 59 17.03 -3.24 -0.06
CA PRO B 59 18.13 -4.19 -0.24
C PRO B 59 18.52 -4.40 -1.70
N SER B 60 19.81 -4.63 -1.92
N SER B 60 19.82 -4.67 -1.90
CA SER B 60 20.34 -4.74 -3.27
CA SER B 60 20.38 -4.77 -3.24
C SER B 60 19.97 -6.04 -3.98
C SER B 60 19.86 -5.98 -4.01
N ARG B 61 19.26 -6.96 -3.33
CA ARG B 61 18.71 -8.09 -4.08
C ARG B 61 17.54 -7.69 -4.96
N PHE B 62 16.97 -6.49 -4.79
CA PHE B 62 15.92 -5.97 -5.68
C PHE B 62 16.53 -5.22 -6.85
N SER B 63 16.06 -5.54 -8.06
N SER B 63 16.03 -5.50 -8.06
CA SER B 63 16.45 -4.81 -9.27
CA SER B 63 16.47 -4.77 -9.25
C SER B 63 15.22 -4.63 -10.16
C SER B 63 15.35 -4.74 -10.28
N GLY B 64 15.32 -3.67 -11.07
CA GLY B 64 14.31 -3.49 -12.08
C GLY B 64 14.95 -3.39 -13.45
N SER B 65 14.19 -3.75 -14.48
N SER B 65 14.19 -3.74 -14.48
CA SER B 65 14.69 -3.68 -15.84
CA SER B 65 14.70 -3.71 -15.84
C SER B 65 13.56 -3.34 -16.79
C SER B 65 13.57 -3.40 -16.82
N GLY B 66 13.95 -2.91 -17.99
CA GLY B 66 12.99 -2.59 -19.05
C GLY B 66 12.88 -1.11 -19.32
N SER B 67 12.48 -0.78 -20.56
N SER B 67 12.42 -0.80 -20.53
CA SER B 67 12.17 0.58 -20.97
CA SER B 67 12.14 0.56 -20.94
C SER B 67 11.28 0.50 -22.19
C SER B 67 11.26 0.49 -22.18
N GLY B 68 10.16 1.23 -22.17
CA GLY B 68 9.20 1.14 -23.26
C GLY B 68 7.88 0.60 -22.74
N THR B 69 7.61 -0.69 -22.96
CA THR B 69 6.37 -1.28 -22.47
C THR B 69 6.57 -2.51 -21.60
N ASP B 70 7.74 -3.14 -21.60
CA ASP B 70 7.94 -4.45 -20.96
C ASP B 70 8.95 -4.28 -19.82
N PHE B 71 8.49 -4.51 -18.58
CA PHE B 71 9.30 -4.28 -17.40
C PHE B 71 9.35 -5.52 -16.52
N THR B 72 10.45 -5.69 -15.80
N THR B 72 10.40 -5.59 -15.69
CA THR B 72 10.55 -6.73 -14.80
CA THR B 72 10.64 -6.75 -14.84
C THR B 72 11.07 -6.19 -13.49
C THR B 72 11.22 -6.32 -13.50
N LEU B 73 10.65 -6.85 -12.42
CA LEU B 73 11.21 -6.71 -11.09
C LEU B 73 11.86 -8.04 -10.76
N THR B 74 13.11 -8.02 -10.33
CA THR B 74 13.84 -9.23 -10.01
C THR B 74 14.26 -9.18 -8.56
N ILE B 75 13.97 -10.25 -7.82
CA ILE B 75 14.59 -10.49 -6.53
C ILE B 75 15.65 -11.56 -6.77
N SER B 76 16.93 -11.20 -6.68
CA SER B 76 17.96 -12.08 -7.19
C SER B 76 18.24 -13.25 -6.25
N SER B 77 17.89 -13.09 -4.96
CA SER B 77 18.06 -14.16 -3.99
C SER B 77 16.95 -13.97 -2.96
N LEU B 78 15.86 -14.71 -3.13
CA LEU B 78 14.66 -14.49 -2.32
C LEU B 78 14.92 -14.78 -0.83
N GLN B 79 14.50 -13.87 0.03
CA GLN B 79 14.66 -14.03 1.47
C GLN B 79 13.31 -14.28 2.12
N PRO B 80 13.28 -14.89 3.30
CA PRO B 80 11.99 -15.27 3.91
C PRO B 80 11.08 -14.09 4.17
N GLU B 81 11.64 -12.89 4.34
CA GLU B 81 10.82 -11.72 4.60
C GLU B 81 10.27 -11.10 3.32
N ASP B 82 10.47 -11.71 2.16
CA ASP B 82 10.12 -11.06 0.90
C ASP B 82 8.72 -11.42 0.42
N PHE B 83 7.96 -12.22 1.16
CA PHE B 83 6.56 -12.40 0.79
C PHE B 83 5.86 -11.05 0.86
N ALA B 84 5.00 -10.80 -0.11
CA ALA B 84 4.35 -9.49 -0.26
C ALA B 84 3.57 -9.54 -1.55
N THR B 85 2.75 -8.50 -1.76
CA THR B 85 2.19 -8.21 -3.08
C THR B 85 3.03 -7.09 -3.66
N TYR B 86 3.55 -7.31 -4.88
CA TYR B 86 4.37 -6.33 -5.56
C TYR B 86 3.55 -5.66 -6.65
N TYR B 87 3.64 -4.33 -6.72
CA TYR B 87 2.90 -3.54 -7.71
C TYR B 87 3.83 -2.72 -8.56
N CYS B 88 3.50 -2.64 -9.85
CA CYS B 88 4.13 -1.63 -10.69
C CYS B 88 3.22 -0.42 -10.83
N GLN B 89 3.80 0.69 -11.35
CA GLN B 89 3.04 1.93 -11.47
C GLN B 89 3.71 2.79 -12.51
N GLN B 90 2.95 3.21 -13.54
CA GLN B 90 3.54 4.12 -14.53
C GLN B 90 3.54 5.52 -13.95
N SER B 91 4.65 6.23 -14.19
CA SER B 91 4.88 7.57 -13.71
C SER B 91 5.00 8.54 -14.87
N TYR B 92 4.51 8.12 -16.03
CA TYR B 92 4.64 8.85 -17.29
C TYR B 92 3.65 10.01 -17.38
N SER B 93 2.38 9.77 -17.04
CA SER B 93 1.37 10.81 -17.19
C SER B 93 0.25 10.60 -16.18
N THR B 94 -0.40 11.70 -15.80
CA THR B 94 -1.58 11.58 -14.96
C THR B 94 -2.74 11.02 -15.77
N PRO B 95 -3.62 10.21 -15.14
CA PRO B 95 -3.46 9.76 -13.75
C PRO B 95 -2.44 8.65 -13.65
N PRO B 96 -1.54 8.72 -12.68
CA PRO B 96 -0.66 7.57 -12.45
C PRO B 96 -1.51 6.34 -12.17
N THR B 97 -1.13 5.23 -12.79
CA THR B 97 -1.91 4.00 -12.72
C THR B 97 -1.01 2.85 -12.31
N PHE B 98 -1.62 1.92 -11.58
CA PHE B 98 -0.94 0.77 -10.98
C PHE B 98 -1.41 -0.52 -11.66
N GLY B 99 -0.50 -1.50 -11.70
CA GLY B 99 -0.87 -2.86 -12.03
C GLY B 99 -1.69 -3.48 -10.92
N GLN B 100 -2.22 -4.68 -11.19
N GLN B 100 -2.22 -4.68 -11.20
CA GLN B 100 -3.10 -5.34 -10.24
CA GLN B 100 -3.11 -5.35 -10.24
C GLN B 100 -2.34 -6.16 -9.20
C GLN B 100 -2.34 -6.14 -9.20
N GLY B 101 -1.01 -6.19 -9.28
CA GLY B 101 -0.19 -6.84 -8.27
C GLY B 101 0.15 -8.29 -8.57
N THR B 102 1.29 -8.69 -8.06
CA THR B 102 1.71 -10.10 -8.05
C THR B 102 1.99 -10.48 -6.60
N LYS B 103 1.34 -11.54 -6.11
CA LYS B 103 1.57 -12.03 -4.76
C LYS B 103 2.70 -13.04 -4.78
N VAL B 104 3.71 -12.81 -3.96
CA VAL B 104 4.86 -13.70 -3.86
C VAL B 104 4.79 -14.41 -2.51
N GLU B 105 4.82 -15.74 -2.53
CA GLU B 105 5.02 -16.48 -1.28
C GLU B 105 6.29 -17.31 -1.36
N ILE B 106 6.78 -17.65 -0.17
CA ILE B 106 7.99 -18.42 0.03
C ILE B 106 7.59 -19.89 0.02
N LYS B 107 8.14 -20.64 -0.91
CA LYS B 107 7.96 -22.08 -0.94
C LYS B 107 8.92 -22.73 0.06
N ARG B 108 8.44 -23.65 0.87
CA ARG B 108 9.29 -24.33 1.83
C ARG B 108 8.85 -25.78 1.90
N THR B 109 9.51 -26.57 2.74
CA THR B 109 9.10 -27.96 2.86
C THR B 109 7.72 -28.08 3.53
N VAL B 110 7.06 -29.19 3.24
CA VAL B 110 5.76 -29.46 3.85
C VAL B 110 5.91 -29.49 5.36
N ALA B 111 4.92 -28.89 6.05
CA ALA B 111 4.82 -28.92 7.51
C ALA B 111 3.37 -29.13 7.88
N ALA B 112 3.09 -30.20 8.64
CA ALA B 112 1.73 -30.48 9.09
C ALA B 112 1.32 -29.51 10.18
N PRO B 113 0.03 -29.15 10.23
CA PRO B 113 -0.48 -28.28 11.30
C PRO B 113 -0.52 -28.99 12.64
N SER B 114 -0.25 -28.21 13.69
CA SER B 114 -0.72 -28.56 15.03
C SER B 114 -2.15 -28.06 15.17
N VAL B 115 -3.00 -28.87 15.79
CA VAL B 115 -4.44 -28.61 15.83
C VAL B 115 -4.84 -28.39 17.28
N PHE B 116 -5.56 -27.30 17.52
CA PHE B 116 -6.08 -26.95 18.84
C PHE B 116 -7.56 -26.60 18.73
N ILE B 117 -8.31 -26.89 19.78
CA ILE B 117 -9.74 -26.55 19.77
C ILE B 117 -10.12 -25.83 21.06
N PHE B 118 -11.00 -24.84 20.91
CA PHE B 118 -11.44 -23.99 22.00
C PHE B 118 -12.96 -24.06 22.14
N PRO B 119 -13.49 -24.53 23.24
CA PRO B 119 -14.93 -24.44 23.47
C PRO B 119 -15.34 -23.00 23.67
N PRO B 120 -16.64 -22.69 23.58
CA PRO B 120 -17.10 -21.34 23.95
C PRO B 120 -16.75 -21.05 25.41
N SER B 121 -16.35 -19.80 25.67
CA SER B 121 -16.15 -19.35 27.03
C SER B 121 -17.46 -19.27 27.80
N ASP B 122 -17.36 -19.38 29.12
CA ASP B 122 -18.54 -19.21 29.96
C ASP B 122 -19.08 -17.80 29.83
N GLU B 123 -18.19 -16.83 29.65
N GLU B 123 -18.19 -16.81 29.66
CA GLU B 123 -18.62 -15.45 29.48
CA GLU B 123 -18.63 -15.44 29.48
C GLU B 123 -19.50 -15.28 28.24
C GLU B 123 -19.52 -15.30 28.24
N GLN B 124 -19.10 -15.91 27.13
CA GLN B 124 -19.90 -15.79 25.91
C GLN B 124 -21.20 -16.54 26.05
N LEU B 125 -21.15 -17.73 26.65
CA LEU B 125 -22.39 -18.47 26.89
C LEU B 125 -23.37 -17.67 27.73
N LYS B 126 -22.88 -16.98 28.77
CA LYS B 126 -23.75 -16.15 29.58
C LYS B 126 -24.50 -15.12 28.73
N SER B 127 -23.91 -14.71 27.60
CA SER B 127 -24.52 -13.68 26.76
C SER B 127 -25.46 -14.25 25.71
N GLY B 128 -25.51 -15.58 25.55
CA GLY B 128 -26.50 -16.21 24.70
C GLY B 128 -26.01 -16.87 23.43
N THR B 129 -24.70 -16.86 23.15
CA THR B 129 -24.17 -17.46 21.94
C THR B 129 -22.96 -18.33 22.26
N ALA B 130 -22.63 -19.21 21.33
CA ALA B 130 -21.51 -20.12 21.48
C ALA B 130 -20.65 -20.09 20.22
N SER B 131 -19.40 -19.68 20.35
CA SER B 131 -18.44 -19.76 19.24
C SER B 131 -17.41 -20.83 19.59
N VAL B 132 -17.26 -21.82 18.72
CA VAL B 132 -16.25 -22.88 18.87
C VAL B 132 -15.13 -22.58 17.87
N VAL B 133 -13.88 -22.60 18.34
CA VAL B 133 -12.77 -22.21 17.47
C VAL B 133 -11.78 -23.36 17.30
N CYS B 134 -11.41 -23.62 16.06
CA CYS B 134 -10.38 -24.59 15.71
C CYS B 134 -9.17 -23.83 15.16
N LEU B 135 -8.00 -24.11 15.72
CA LEU B 135 -6.75 -23.48 15.30
C LEU B 135 -5.82 -24.51 14.65
N LEU B 136 -5.31 -24.17 13.46
CA LEU B 136 -4.25 -24.92 12.78
C LEU B 136 -3.03 -24.05 12.82
N ASN B 137 -1.96 -24.53 13.44
CA ASN B 137 -0.79 -23.70 13.65
C ASN B 137 0.40 -24.20 12.84
N ASN B 138 1.07 -23.25 12.15
CA ASN B 138 2.42 -23.41 11.62
C ASN B 138 2.52 -24.55 10.60
N PHE B 139 1.77 -24.42 9.50
CA PHE B 139 1.72 -25.43 8.46
C PHE B 139 2.08 -24.84 7.11
N TYR B 140 2.44 -25.72 6.18
CA TYR B 140 2.77 -25.35 4.80
C TYR B 140 2.54 -26.60 3.97
N PRO B 141 1.90 -26.51 2.80
CA PRO B 141 1.44 -25.30 2.11
C PRO B 141 0.14 -24.78 2.70
N ARG B 142 -0.34 -23.68 2.13
CA ARG B 142 -1.50 -22.98 2.68
C ARG B 142 -2.78 -23.79 2.58
N GLU B 143 -2.89 -24.66 1.59
N GLU B 143 -2.91 -24.64 1.56
CA GLU B 143 -4.13 -25.37 1.33
CA GLU B 143 -4.14 -25.39 1.33
C GLU B 143 -4.43 -26.35 2.47
C GLU B 143 -4.43 -26.33 2.49
N ALA B 144 -5.65 -26.26 3.00
CA ALA B 144 -6.06 -27.11 4.11
C ALA B 144 -7.56 -27.24 4.07
N LYS B 145 -8.08 -28.38 4.48
CA LYS B 145 -9.51 -28.54 4.62
C LYS B 145 -9.85 -28.73 6.09
N VAL B 146 -10.76 -27.92 6.58
CA VAL B 146 -11.16 -27.99 7.98
C VAL B 146 -12.67 -28.16 8.01
N GLN B 147 -13.12 -29.26 8.59
CA GLN B 147 -14.54 -29.53 8.69
C GLN B 147 -14.95 -29.69 10.14
N TRP B 148 -16.15 -29.26 10.41
CA TRP B 148 -16.73 -29.35 11.75
C TRP B 148 -17.70 -30.52 11.80
N LYS B 149 -17.62 -31.28 12.88
CA LYS B 149 -18.62 -32.30 13.15
C LYS B 149 -19.20 -32.10 14.54
N VAL B 150 -20.52 -32.15 14.64
CA VAL B 150 -21.23 -31.94 15.90
C VAL B 150 -22.08 -33.19 16.13
N ASP B 151 -21.71 -33.96 17.16
CA ASP B 151 -22.29 -35.29 17.35
C ASP B 151 -22.31 -36.06 16.03
N ASN B 152 -21.18 -35.97 15.31
CA ASN B 152 -20.87 -36.67 14.06
C ASN B 152 -21.64 -36.17 12.85
N ALA B 153 -22.40 -35.10 12.97
CA ALA B 153 -23.04 -34.49 11.82
C ALA B 153 -22.06 -33.50 11.19
N LEU B 154 -21.78 -33.69 9.91
CA LEU B 154 -20.93 -32.75 9.19
C LEU B 154 -21.65 -31.42 9.05
N GLN B 155 -21.01 -30.33 9.49
CA GLN B 155 -21.54 -28.99 9.29
C GLN B 155 -21.16 -28.46 7.92
N SER B 156 -22.10 -27.82 7.23
CA SER B 156 -21.81 -27.25 5.93
C SER B 156 -22.43 -25.87 5.87
N GLY B 157 -21.60 -24.85 5.73
CA GLY B 157 -22.09 -23.48 5.65
C GLY B 157 -22.27 -22.78 6.99
N ASN B 158 -21.79 -23.38 8.07
CA ASN B 158 -22.01 -22.91 9.44
C ASN B 158 -20.77 -22.31 10.07
N SER B 159 -19.66 -22.24 9.33
CA SER B 159 -18.40 -21.84 9.92
C SER B 159 -17.70 -20.91 8.95
N GLN B 160 -16.79 -20.10 9.50
CA GLN B 160 -15.98 -19.19 8.70
C GLN B 160 -14.53 -19.36 9.14
N GLU B 161 -13.62 -19.20 8.19
CA GLU B 161 -12.21 -19.34 8.52
C GLU B 161 -11.42 -18.18 7.92
N SER B 162 -10.22 -17.98 8.47
CA SER B 162 -9.29 -17.04 7.88
C SER B 162 -7.88 -17.48 8.22
N VAL B 163 -6.94 -16.91 7.51
CA VAL B 163 -5.57 -17.41 7.46
C VAL B 163 -4.61 -16.24 7.63
N THR B 164 -3.55 -16.45 8.42
CA THR B 164 -2.54 -15.40 8.55
C THR B 164 -1.69 -15.26 7.28
N GLU B 165 -0.95 -14.14 7.22
N GLU B 165 -0.94 -14.16 7.23
CA GLU B 165 0.17 -14.00 6.30
CA GLU B 165 0.11 -14.04 6.23
C GLU B 165 1.21 -15.08 6.62
C GLU B 165 1.30 -14.89 6.64
N GLN B 166 2.05 -15.36 5.63
CA GLN B 166 3.19 -16.23 5.88
C GLN B 166 4.10 -15.66 6.97
N ASP B 167 4.62 -16.54 7.81
CA ASP B 167 5.53 -16.12 8.88
C ASP B 167 6.90 -15.73 8.31
N SER B 168 7.47 -14.65 8.82
CA SER B 168 8.69 -14.15 8.20
C SER B 168 9.92 -14.94 8.61
N LYS B 169 9.82 -15.79 9.64
CA LYS B 169 10.92 -16.63 10.08
C LYS B 169 10.84 -18.03 9.49
N ASP B 170 9.71 -18.73 9.67
CA ASP B 170 9.63 -20.12 9.26
C ASP B 170 8.75 -20.35 8.04
N SER B 171 8.19 -19.27 7.46
CA SER B 171 7.43 -19.37 6.20
C SER B 171 6.20 -20.27 6.29
N THR B 172 5.62 -20.45 7.48
CA THR B 172 4.40 -21.22 7.63
C THR B 172 3.16 -20.33 7.71
N TYR B 173 2.02 -20.98 7.69
CA TYR B 173 0.73 -20.32 7.84
C TYR B 173 0.07 -20.83 9.12
N SER B 174 -0.88 -20.04 9.62
CA SER B 174 -1.83 -20.53 10.60
C SER B 174 -3.23 -20.16 10.15
N LEU B 175 -4.20 -20.95 10.62
CA LEU B 175 -5.59 -20.80 10.19
C LEU B 175 -6.49 -20.97 11.39
N SER B 176 -7.54 -20.17 11.47
CA SER B 176 -8.59 -20.43 12.47
C SER B 176 -9.93 -20.58 11.79
N SER B 177 -10.72 -21.51 12.30
CA SER B 177 -12.09 -21.72 11.85
C SER B 177 -13.03 -21.60 13.04
N THR B 178 -14.14 -20.91 12.84
CA THR B 178 -15.09 -20.62 13.90
C THR B 178 -16.46 -21.12 13.51
N LEU B 179 -17.03 -21.95 14.37
CA LEU B 179 -18.39 -22.45 14.26
C LEU B 179 -19.24 -21.69 15.28
N THR B 180 -20.28 -21.00 14.83
CA THR B 180 -21.10 -20.26 15.79
C THR B 180 -22.51 -20.84 15.85
N LEU B 181 -23.00 -21.06 17.07
CA LEU B 181 -24.34 -21.60 17.35
C LEU B 181 -25.02 -20.74 18.39
N SER B 182 -26.35 -20.80 18.42
CA SER B 182 -27.03 -20.27 19.59
C SER B 182 -26.70 -21.13 20.80
N LYS B 183 -26.81 -20.51 21.99
CA LYS B 183 -26.61 -21.27 23.22
C LYS B 183 -27.56 -22.47 23.29
N ALA B 184 -28.82 -22.28 22.90
CA ALA B 184 -29.76 -23.39 22.96
C ALA B 184 -29.30 -24.54 22.06
N ASP B 185 -28.81 -24.22 20.86
CA ASP B 185 -28.34 -25.29 19.98
C ASP B 185 -27.04 -25.92 20.49
N TYR B 186 -26.14 -25.10 21.03
CA TYR B 186 -24.92 -25.63 21.64
C TYR B 186 -25.26 -26.64 22.72
N GLU B 187 -26.24 -26.32 23.57
CA GLU B 187 -26.61 -27.22 24.66
C GLU B 187 -27.35 -28.47 24.21
N LYS B 188 -27.70 -28.60 22.94
CA LYS B 188 -28.37 -29.82 22.48
C LYS B 188 -27.40 -30.91 22.09
N HIS B 189 -26.12 -30.62 22.00
CA HIS B 189 -25.16 -31.58 21.47
C HIS B 189 -24.00 -31.77 22.44
N LYS B 190 -23.30 -32.88 22.28
CA LYS B 190 -22.21 -33.26 23.17
C LYS B 190 -20.84 -33.11 22.52
N VAL B 191 -20.59 -33.75 21.39
CA VAL B 191 -19.23 -33.89 20.86
C VAL B 191 -19.02 -32.85 19.77
N TYR B 192 -18.07 -31.95 19.99
CA TYR B 192 -17.67 -30.91 19.03
C TYR B 192 -16.29 -31.24 18.52
N ALA B 193 -16.17 -31.44 17.21
CA ALA B 193 -14.92 -31.92 16.63
C ALA B 193 -14.54 -31.10 15.41
N CYS B 194 -13.23 -30.90 15.28
N CYS B 194 -13.26 -30.76 15.25
CA CYS B 194 -12.58 -30.30 14.12
CA CYS B 194 -12.85 -30.25 13.94
C CYS B 194 -11.82 -31.38 13.38
C CYS B 194 -11.91 -31.27 13.31
N GLU B 195 -12.16 -31.62 12.13
N GLU B 195 -12.09 -31.48 12.02
CA GLU B 195 -11.42 -32.56 11.28
CA GLU B 195 -11.42 -32.55 11.28
C GLU B 195 -10.57 -31.78 10.29
C GLU B 195 -10.61 -31.90 10.17
N VAL B 196 -9.30 -32.17 10.18
CA VAL B 196 -8.31 -31.45 9.40
C VAL B 196 -7.71 -32.38 8.36
N THR B 197 -7.69 -31.94 7.12
CA THR B 197 -6.98 -32.61 6.02
C THR B 197 -5.88 -31.69 5.51
N HIS B 198 -4.65 -32.21 5.41
CA HIS B 198 -3.51 -31.43 4.96
C HIS B 198 -2.45 -32.35 4.37
N GLN B 199 -1.72 -31.85 3.37
CA GLN B 199 -0.67 -32.63 2.72
C GLN B 199 0.35 -33.18 3.72
N GLY B 200 0.60 -32.47 4.82
CA GLY B 200 1.61 -32.90 5.79
C GLY B 200 1.17 -34.02 6.69
N LEU B 201 -0.11 -34.37 6.63
CA LEU B 201 -0.69 -35.40 7.47
C LEU B 201 -0.89 -36.68 6.65
N SER B 202 -0.57 -37.83 7.25
CA SER B 202 -0.77 -39.11 6.56
C SER B 202 -2.23 -39.31 6.18
N SER B 203 -3.14 -38.91 7.06
CA SER B 203 -4.58 -39.11 6.89
C SER B 203 -5.26 -37.95 7.62
N PRO B 204 -6.54 -37.69 7.32
CA PRO B 204 -7.25 -36.66 8.09
C PRO B 204 -7.19 -36.96 9.58
N VAL B 205 -7.14 -35.89 10.38
CA VAL B 205 -7.08 -36.01 11.83
C VAL B 205 -8.26 -35.27 12.44
N THR B 206 -8.58 -35.63 13.68
CA THR B 206 -9.71 -34.99 14.37
C THR B 206 -9.32 -34.66 15.80
N LYS B 207 -9.71 -33.47 16.23
CA LYS B 207 -9.59 -33.06 17.62
C LYS B 207 -10.97 -32.66 18.11
N SER B 208 -11.37 -33.15 19.28
CA SER B 208 -12.70 -32.83 19.78
C SER B 208 -12.69 -32.54 21.27
N PHE B 209 -13.83 -32.01 21.73
CA PHE B 209 -14.15 -31.96 23.14
C PHE B 209 -15.61 -32.33 23.32
N ASN B 210 -15.96 -32.70 24.56
CA ASN B 210 -17.34 -32.91 24.99
C ASN B 210 -17.82 -31.71 25.79
N ARG B 211 -18.95 -31.14 25.38
CA ARG B 211 -19.54 -30.02 26.11
C ARG B 211 -19.71 -30.39 27.59
N GLY B 212 -19.26 -29.49 28.46
CA GLY B 212 -19.29 -29.76 29.88
C GLY B 212 -18.09 -30.52 30.41
N GLU B 213 -17.02 -30.65 29.63
CA GLU B 213 -15.75 -31.27 30.04
C GLU B 213 -15.92 -32.74 30.44
N THR C 6 9.09 21.28 -37.59
CA THR C 6 9.09 21.12 -36.13
C THR C 6 10.33 21.79 -35.51
N ALA C 7 10.07 22.65 -34.52
CA ALA C 7 11.03 23.64 -34.04
C ALA C 7 10.82 23.84 -32.54
N SER C 8 11.80 24.49 -31.90
CA SER C 8 11.62 24.99 -30.55
C SER C 8 10.51 26.04 -30.51
N TRP C 9 9.77 26.07 -29.40
CA TRP C 9 8.75 27.10 -29.19
C TRP C 9 9.37 28.48 -28.99
N PHE C 10 10.69 28.57 -28.73
CA PHE C 10 11.33 29.82 -28.35
C PHE C 10 12.49 30.16 -29.28
N THR C 11 12.85 31.44 -29.28
CA THR C 11 14.08 31.83 -29.95
C THR C 11 15.29 31.29 -29.18
N ALA C 12 16.46 31.39 -29.83
CA ALA C 12 17.69 30.77 -29.32
C ALA C 12 18.43 31.65 -28.33
N LEU C 13 19.19 31.01 -27.46
CA LEU C 13 20.25 31.68 -26.70
C LEU C 13 21.57 31.51 -27.46
N THR C 14 22.17 32.63 -27.84
CA THR C 14 23.42 32.59 -28.60
C THR C 14 24.61 32.67 -27.67
N GLN C 15 25.60 31.82 -27.94
CA GLN C 15 26.79 31.66 -27.10
C GLN C 15 27.93 32.42 -27.77
N HIS C 16 28.22 33.62 -27.27
CA HIS C 16 29.26 34.45 -27.83
C HIS C 16 30.64 34.16 -27.24
N GLY C 17 30.70 33.52 -26.07
N GLY C 17 30.71 33.59 -26.05
CA GLY C 17 31.94 33.15 -25.45
CA GLY C 17 31.98 33.31 -25.40
C GLY C 17 32.29 31.68 -25.64
C GLY C 17 32.27 31.82 -25.32
N LYS C 18 33.29 31.22 -24.88
N LYS C 18 33.37 31.51 -24.62
CA LYS C 18 33.79 29.86 -25.00
CA LYS C 18 33.63 30.12 -24.28
C LYS C 18 33.19 28.88 -23.99
C LYS C 18 32.72 29.71 -23.13
N GLU C 19 32.31 29.34 -23.10
N GLU C 19 32.88 28.45 -22.69
CA GLU C 19 31.69 28.46 -22.12
CA GLU C 19 32.00 27.80 -21.73
C GLU C 19 30.35 27.94 -22.61
C GLU C 19 30.61 27.56 -22.31
N ASP C 20 30.09 26.66 -22.34
N ASP C 20 30.11 26.34 -22.17
CA ASP C 20 28.78 26.07 -22.60
CA ASP C 20 28.77 26.01 -22.62
C ASP C 20 27.71 26.74 -21.75
C ASP C 20 27.72 26.68 -21.74
N LEU C 21 26.47 26.63 -22.21
CA LEU C 21 25.35 27.11 -21.42
C LEU C 21 25.20 26.23 -20.17
N LYS C 22 24.73 26.85 -19.09
CA LYS C 22 24.41 26.18 -17.84
C LYS C 22 23.58 27.13 -16.99
N PHE C 23 22.83 26.56 -16.03
CA PHE C 23 21.99 27.31 -15.12
C PHE C 23 22.01 26.72 -13.72
N PRO C 24 21.91 27.56 -12.70
CA PRO C 24 21.67 27.03 -11.35
C PRO C 24 20.37 26.23 -11.32
N ARG C 25 20.32 25.26 -10.41
N ARG C 25 20.32 25.26 -10.41
CA ARG C 25 19.08 24.52 -10.23
CA ARG C 25 19.08 24.51 -10.23
C ARG C 25 17.93 25.47 -9.94
C ARG C 25 17.92 25.46 -9.93
N GLY C 26 16.81 25.26 -10.62
CA GLY C 26 15.63 26.08 -10.45
C GLY C 26 15.53 27.20 -11.46
N GLN C 27 16.53 27.37 -12.32
CA GLN C 27 16.60 28.46 -13.27
C GLN C 27 16.76 27.92 -14.70
N GLY C 28 16.44 28.79 -15.67
CA GLY C 28 16.69 28.54 -17.07
C GLY C 28 15.49 28.23 -17.93
N VAL C 29 14.35 27.83 -17.36
CA VAL C 29 13.19 27.55 -18.24
C VAL C 29 12.64 28.87 -18.77
N PRO C 30 12.43 29.01 -20.10
CA PRO C 30 11.89 30.25 -20.64
C PRO C 30 10.44 30.48 -20.20
N ILE C 31 10.07 31.75 -20.10
CA ILE C 31 8.71 32.09 -19.70
C ILE C 31 7.73 31.81 -20.85
N ASN C 32 6.59 31.19 -20.51
CA ASN C 32 5.55 30.88 -21.50
C ASN C 32 4.23 30.89 -20.74
N THR C 33 3.48 31.98 -20.86
CA THR C 33 2.23 32.05 -20.08
C THR C 33 1.17 31.06 -20.54
N ASN C 34 1.32 30.43 -21.71
N ASN C 34 1.33 30.45 -21.73
CA ASN C 34 0.39 29.40 -22.16
CA ASN C 34 0.45 29.38 -22.20
C ASN C 34 0.68 28.04 -21.55
C ASN C 34 0.84 28.02 -21.65
N SER C 35 1.49 27.99 -20.50
CA SER C 35 1.89 26.75 -19.88
C SER C 35 1.73 26.92 -18.39
N SER C 36 1.68 25.81 -17.67
CA SER C 36 1.34 25.75 -16.27
C SER C 36 2.54 25.35 -15.43
N PRO C 37 2.47 25.52 -14.11
CA PRO C 37 3.68 25.28 -13.28
C PRO C 37 4.26 23.89 -13.43
N ASP C 38 3.41 22.87 -13.57
CA ASP C 38 3.92 21.51 -13.72
C ASP C 38 4.70 21.31 -15.02
N ASP C 39 4.51 22.19 -16.02
CA ASP C 39 5.13 22.09 -17.32
C ASP C 39 6.58 22.57 -17.36
N GLN C 40 7.07 23.24 -16.32
CA GLN C 40 8.29 24.07 -16.43
C GLN C 40 9.57 23.24 -16.27
N ILE C 41 9.87 22.43 -17.29
CA ILE C 41 11.03 21.54 -17.22
C ILE C 41 11.39 21.07 -18.64
N GLY C 42 12.69 21.02 -18.90
CA GLY C 42 13.13 20.64 -20.22
C GLY C 42 14.64 20.74 -20.36
N TYR C 43 15.08 20.84 -21.60
CA TYR C 43 16.50 20.88 -21.89
C TYR C 43 16.76 21.95 -22.94
N TYR C 44 17.99 22.49 -22.91
CA TYR C 44 18.54 23.23 -24.03
C TYR C 44 19.42 22.30 -24.85
N ARG C 45 19.33 22.43 -26.17
CA ARG C 45 20.17 21.68 -27.10
C ARG C 45 20.97 22.66 -27.94
N ARG C 46 22.28 22.48 -27.97
CA ARG C 46 23.14 23.23 -28.87
C ARG C 46 22.91 22.75 -30.30
N ALA C 47 22.62 23.68 -31.21
CA ALA C 47 22.24 23.32 -32.57
C ALA C 47 23.40 22.70 -33.36
N THR C 48 23.05 21.79 -34.29
CA THR C 48 23.95 21.05 -35.20
C THR C 48 24.60 19.85 -34.53
N SER C 62 28.98 31.18 -33.90
CA SER C 62 28.51 31.18 -32.51
C SER C 62 27.42 30.12 -32.29
N PRO C 63 27.65 29.26 -31.31
CA PRO C 63 26.64 28.24 -30.99
C PRO C 63 25.32 28.87 -30.57
N ARG C 64 24.24 28.26 -31.02
CA ARG C 64 22.88 28.62 -30.62
C ARG C 64 22.30 27.47 -29.81
N TRP C 65 21.66 27.80 -28.69
CA TRP C 65 21.07 26.83 -27.79
C TRP C 65 19.56 27.02 -27.78
N TYR C 66 18.81 25.95 -28.02
CA TYR C 66 17.35 26.01 -28.11
C TYR C 66 16.71 25.20 -27.02
N PHE C 67 15.63 25.73 -26.45
CA PHE C 67 14.91 25.06 -25.38
C PHE C 67 13.78 24.18 -25.92
N TYR C 68 13.66 22.97 -25.34
CA TYR C 68 12.59 22.03 -25.61
C TYR C 68 12.03 21.51 -24.31
N TYR C 69 10.70 21.44 -24.20
CA TYR C 69 10.12 20.84 -23.01
C TYR C 69 10.51 19.37 -22.92
N LEU C 70 10.58 18.88 -21.67
CA LEU C 70 10.87 17.48 -21.40
C LEU C 70 10.00 16.55 -22.25
N GLY C 71 10.65 15.58 -22.90
CA GLY C 71 9.94 14.60 -23.70
C GLY C 71 9.44 15.12 -25.02
N THR C 72 9.95 16.27 -25.47
CA THR C 72 9.67 16.80 -26.80
C THR C 72 10.99 17.06 -27.53
N GLY C 73 10.88 17.26 -28.85
CA GLY C 73 12.00 17.76 -29.62
C GLY C 73 13.01 16.68 -29.97
N PRO C 74 14.20 17.09 -30.44
CA PRO C 74 15.18 16.11 -30.95
C PRO C 74 15.63 15.08 -29.93
N GLU C 75 15.62 15.42 -28.66
CA GLU C 75 15.98 14.50 -27.58
C GLU C 75 14.75 14.19 -26.72
N ALA C 76 13.59 14.02 -27.38
CA ALA C 76 12.35 13.69 -26.65
C ALA C 76 12.49 12.41 -25.85
N GLY C 77 13.34 11.49 -26.29
CA GLY C 77 13.52 10.23 -25.58
C GLY C 77 14.36 10.30 -24.33
N LEU C 78 15.08 11.42 -24.09
CA LEU C 78 15.96 11.49 -22.91
C LEU C 78 15.16 11.78 -21.64
N PRO C 79 15.49 11.11 -20.54
CA PRO C 79 14.95 11.50 -19.24
C PRO C 79 15.71 12.68 -18.66
N TYR C 80 15.06 13.40 -17.76
CA TYR C 80 15.70 14.55 -17.13
C TYR C 80 17.05 14.14 -16.55
N GLY C 81 18.08 14.94 -16.84
CA GLY C 81 19.40 14.74 -16.27
C GLY C 81 20.35 13.88 -17.08
N ALA C 82 19.87 13.28 -18.19
CA ALA C 82 20.74 12.49 -19.06
C ALA C 82 21.96 13.30 -19.48
N ASN C 83 23.13 12.69 -19.38
CA ASN C 83 24.40 13.37 -19.61
C ASN C 83 24.79 13.21 -21.09
N LYS C 84 24.65 14.30 -21.86
CA LYS C 84 24.97 14.23 -23.28
C LYS C 84 25.59 15.56 -23.68
N ASP C 85 26.71 15.50 -24.41
CA ASP C 85 27.34 16.74 -24.86
C ASP C 85 26.37 17.55 -25.70
N GLY C 86 26.29 18.85 -25.42
CA GLY C 86 25.34 19.72 -26.10
C GLY C 86 23.94 19.72 -25.52
N ILE C 87 23.69 19.01 -24.43
CA ILE C 87 22.40 19.01 -23.76
C ILE C 87 22.59 19.49 -22.33
N ILE C 88 21.78 20.48 -21.90
CA ILE C 88 21.74 20.81 -20.48
C ILE C 88 20.28 20.80 -20.02
N TRP C 89 20.09 20.47 -18.75
CA TRP C 89 18.75 20.31 -18.20
C TRP C 89 18.39 21.49 -17.29
N VAL C 90 17.11 21.91 -17.37
CA VAL C 90 16.58 23.00 -16.57
C VAL C 90 15.18 22.68 -16.05
N ALA C 91 14.86 23.21 -14.87
CA ALA C 91 13.52 23.05 -14.29
C ALA C 91 13.26 24.20 -13.35
N THR C 92 11.98 24.48 -13.14
CA THR C 92 11.51 25.49 -12.21
C THR C 92 10.78 24.80 -11.06
N GLU C 93 10.92 25.32 -9.85
CA GLU C 93 10.12 24.82 -8.72
C GLU C 93 8.66 24.76 -9.11
N GLY C 94 8.00 23.63 -8.79
CA GLY C 94 6.66 23.36 -9.23
C GLY C 94 6.56 22.46 -10.44
N ALA C 95 7.64 22.28 -11.21
CA ALA C 95 7.57 21.36 -12.33
C ALA C 95 7.28 19.93 -11.89
N LEU C 96 6.69 19.16 -12.78
CA LEU C 96 6.60 17.70 -12.65
C LEU C 96 7.45 17.04 -13.71
N ASN C 97 8.14 15.97 -13.29
CA ASN C 97 9.02 15.20 -14.15
C ASN C 97 8.19 14.17 -14.93
N THR C 98 7.42 14.70 -15.89
CA THR C 98 6.54 13.92 -16.76
C THR C 98 6.69 14.50 -18.16
N PRO C 99 6.71 13.69 -19.21
CA PRO C 99 6.86 14.24 -20.57
C PRO C 99 5.73 15.18 -20.95
N LYS C 100 6.07 16.23 -21.70
CA LYS C 100 5.10 17.27 -22.05
C LYS C 100 4.55 17.03 -23.45
N ASP C 101 3.95 15.86 -23.63
CA ASP C 101 3.38 15.48 -24.92
C ASP C 101 2.29 16.45 -25.36
N HIS C 102 1.61 17.08 -24.41
CA HIS C 102 0.53 18.03 -24.71
C HIS C 102 1.04 19.36 -25.24
N ILE C 103 2.32 19.66 -25.05
CA ILE C 103 2.92 20.87 -25.58
C ILE C 103 3.61 20.60 -26.92
N GLY C 104 4.39 19.52 -26.97
CA GLY C 104 5.13 19.16 -28.17
C GLY C 104 6.03 20.30 -28.64
N THR C 105 6.20 20.39 -29.94
CA THR C 105 7.07 21.38 -30.56
C THR C 105 6.25 22.27 -31.49
N ARG C 106 6.95 23.24 -32.07
CA ARG C 106 6.32 24.34 -32.81
C ARG C 106 6.39 24.05 -34.30
N ASN C 107 5.26 24.27 -34.99
CA ASN C 107 5.24 24.33 -36.44
C ASN C 107 5.41 25.79 -36.85
N PRO C 108 6.55 26.17 -37.46
CA PRO C 108 6.79 27.59 -37.74
C PRO C 108 5.87 28.14 -38.80
N ALA C 109 5.28 27.28 -39.63
CA ALA C 109 4.28 27.76 -40.58
C ALA C 109 3.01 28.20 -39.87
N ASN C 110 2.74 27.65 -38.69
CA ASN C 110 1.55 27.98 -37.92
C ASN C 110 1.79 28.99 -36.80
N ASN C 111 2.97 29.00 -36.17
CA ASN C 111 3.19 29.81 -34.98
C ASN C 111 4.56 30.45 -35.01
N ALA C 112 4.61 31.72 -34.62
CA ALA C 112 5.86 32.46 -34.42
C ALA C 112 6.60 31.91 -33.20
N ALA C 113 7.92 32.06 -33.21
CA ALA C 113 8.71 31.69 -32.04
C ALA C 113 8.53 32.71 -30.91
N ILE C 114 8.34 32.22 -29.69
CA ILE C 114 8.28 33.10 -28.53
C ILE C 114 9.68 33.65 -28.25
N VAL C 115 9.80 34.97 -28.11
CA VAL C 115 11.08 35.53 -27.73
C VAL C 115 11.50 34.96 -26.38
N LEU C 116 12.67 34.35 -26.33
CA LEU C 116 13.13 33.69 -25.11
C LEU C 116 13.36 34.74 -24.02
N GLN C 117 12.66 34.56 -22.90
N GLN C 117 12.65 34.58 -22.90
CA GLN C 117 12.67 35.50 -21.77
CA GLN C 117 12.74 35.47 -21.76
C GLN C 117 12.84 34.71 -20.48
C GLN C 117 12.95 34.63 -20.51
N LEU C 118 13.83 35.09 -19.66
CA LEU C 118 14.08 34.44 -18.39
C LEU C 118 13.62 35.32 -17.24
N PRO C 119 13.18 34.74 -16.12
CA PRO C 119 12.73 35.58 -15.00
C PRO C 119 13.84 36.51 -14.53
N GLN C 120 13.42 37.70 -14.08
CA GLN C 120 14.38 38.64 -13.52
C GLN C 120 15.14 38.00 -12.38
N GLY C 121 16.45 38.23 -12.36
CA GLY C 121 17.31 37.65 -11.36
C GLY C 121 17.99 36.36 -11.77
N THR C 122 17.74 35.86 -12.97
CA THR C 122 18.35 34.60 -13.41
C THR C 122 19.83 34.81 -13.73
N THR C 123 20.66 33.87 -13.25
CA THR C 123 22.07 33.86 -13.64
C THR C 123 22.21 33.50 -15.10
N LEU C 124 22.90 34.34 -15.85
CA LEU C 124 23.34 33.98 -17.17
C LEU C 124 24.86 33.96 -17.19
N PRO C 125 25.50 32.97 -17.79
N PRO C 125 25.51 32.92 -17.72
CA PRO C 125 26.97 33.00 -17.93
CA PRO C 125 26.97 32.92 -17.77
C PRO C 125 27.40 34.17 -18.79
C PRO C 125 27.47 33.94 -18.76
N LYS C 126 28.71 34.45 -18.75
N LYS C 126 28.73 34.35 -18.59
CA LYS C 126 29.23 35.64 -19.41
CA LYS C 126 29.32 35.33 -19.49
C LYS C 126 29.09 35.55 -20.93
C LYS C 126 29.36 34.80 -20.91
N GLY C 127 29.24 34.35 -21.50
N GLY C 127 29.12 35.67 -21.88
CA GLY C 127 29.13 34.18 -22.93
CA GLY C 127 28.95 35.28 -23.26
C GLY C 127 27.75 34.45 -23.51
C GLY C 127 27.52 35.17 -23.71
N PHE C 128 26.77 34.78 -22.68
N PHE C 128 26.57 35.13 -22.79
CA PHE C 128 25.39 34.92 -23.12
CA PHE C 128 25.16 35.01 -23.12
C PHE C 128 24.82 36.28 -22.74
C PHE C 128 24.42 36.31 -22.83
#